data_9OND
#
_entry.id   9OND
#
_cell.length_a   166.332
_cell.length_b   54.824
_cell.length_c   119.172
_cell.angle_alpha   90.00
_cell.angle_beta   129.28
_cell.angle_gamma   90.00
#
_symmetry.space_group_name_H-M   'C 1 2 1'
#
loop_
_entity.id
_entity.type
_entity.pdbx_description
1 polymer "Bis(5'-nucleosyl)-tetraphosphatase [symmetrical]"
2 polymer 'RNA ppAGG'
3 non-polymer 'MANGANESE (II) ION'
4 non-polymer 'MAGNESIUM ION'
5 non-polymer '4-(2-HYDROXYETHYL)-1-PIPERAZINE ETHANESULFONIC ACID'
6 water water
#
loop_
_entity_poly.entity_id
_entity_poly.type
_entity_poly.pdbx_seq_one_letter_code
_entity_poly.pdbx_strand_id
1 'polypeptide(L)'
;MATYLIGDVHGCYDELIALLHKVEFTPGKDTLWLTGDLVARGPGSLDVLRYVKSLGDSVRLVLGNHDLHLLAVFAGISRN
KPKDRLTPLLEAPDADELLNWLRRQPLLQIDEEKKLVMAHAGITPQWDLQTAKECARDVEAVLSSDSYPFFLDAMYGDMP
NNWSPELRGLGRLRFITNAFTRMRFCFPNGQLDMYSKESPEEAPAPLKPWFAIPGPVAEEYSIAFGHWASLEGKGTPEGI
YALDTGCCWGGTLTCLRWEDKQYFVQPSNRHKDLGEAAASHHHHHH
;
A,B
2 'polyribonucleotide' (ADP)GG D,E
#
# COMPACT_ATOMS: atom_id res chain seq x y z
N ALA A 2 -22.12 -30.66 0.54
CA ALA A 2 -22.04 -29.47 -0.29
C ALA A 2 -20.61 -28.94 -0.29
N THR A 3 -20.28 -28.10 -1.28
CA THR A 3 -18.93 -27.59 -1.47
C THR A 3 -18.98 -26.08 -1.38
N TYR A 4 -18.19 -25.53 -0.46
CA TYR A 4 -18.16 -24.11 -0.19
C TYR A 4 -16.77 -23.54 -0.48
N LEU A 5 -16.72 -22.42 -1.18
CA LEU A 5 -15.47 -21.74 -1.49
C LEU A 5 -15.53 -20.35 -0.87
N ILE A 6 -14.48 -19.99 -0.15
CA ILE A 6 -14.40 -18.70 0.53
C ILE A 6 -13.06 -18.04 0.17
N GLY A 7 -13.08 -16.72 -0.02
CA GLY A 7 -11.90 -15.96 -0.36
C GLY A 7 -11.07 -15.56 0.84
N ASP A 8 -10.14 -14.60 0.61
CA ASP A 8 -9.09 -14.29 1.58
C ASP A 8 -9.71 -13.90 2.92
N VAL A 9 -9.36 -14.65 3.95
CA VAL A 9 -9.90 -14.42 5.28
C VAL A 9 -9.11 -13.37 6.05
N HIS A 10 -7.78 -13.36 5.88
CA HIS A 10 -6.93 -12.32 6.47
C HIS A 10 -7.25 -12.10 7.96
N GLY A 11 -7.31 -13.21 8.71
CA GLY A 11 -7.48 -13.14 10.15
C GLY A 11 -8.85 -12.68 10.64
N CYS A 12 -9.83 -12.58 9.75
CA CYS A 12 -11.18 -12.19 10.12
C CYS A 12 -11.95 -13.44 10.55
N TYR A 13 -11.57 -13.95 11.73
CA TYR A 13 -12.16 -15.18 12.23
C TYR A 13 -13.67 -15.03 12.49
N ASP A 14 -14.09 -13.94 13.14
CA ASP A 14 -15.50 -13.79 13.46
C ASP A 14 -16.36 -13.83 12.21
N GLU A 15 -15.94 -13.11 11.17
CA GLU A 15 -16.70 -13.10 9.92
C GLU A 15 -16.71 -14.49 9.28
N LEU A 16 -15.57 -15.19 9.35
CA LEU A 16 -15.49 -16.52 8.80
C LEU A 16 -16.50 -17.44 9.46
N ILE A 17 -16.52 -17.44 10.80
CA ILE A 17 -17.39 -18.35 11.53
C ILE A 17 -18.86 -17.98 11.29
N ALA A 18 -19.18 -16.68 11.26
CA ALA A 18 -20.56 -16.29 10.98
C ALA A 18 -20.99 -16.76 9.59
N LEU A 19 -20.12 -16.59 8.59
CA LEU A 19 -20.48 -17.03 7.25
C LEU A 19 -20.72 -18.54 7.21
N LEU A 20 -19.86 -19.30 7.90
CA LEU A 20 -20.01 -20.75 7.91
C LEU A 20 -21.26 -21.20 8.67
N HIS A 21 -21.67 -20.46 9.71
CA HIS A 21 -22.92 -20.77 10.39
C HIS A 21 -24.12 -20.41 9.52
N LYS A 22 -24.00 -19.32 8.76
CA LYS A 22 -25.05 -18.95 7.81
C LYS A 22 -25.36 -20.10 6.85
N VAL A 23 -24.35 -20.84 6.40
CA VAL A 23 -24.60 -21.95 5.48
C VAL A 23 -24.71 -23.29 6.19
N GLU A 24 -24.66 -23.31 7.53
CA GLU A 24 -24.67 -24.57 8.29
C GLU A 24 -23.59 -25.52 7.78
N PHE A 25 -22.40 -24.97 7.60
CA PHE A 25 -21.27 -25.80 7.19
C PHE A 25 -21.06 -26.94 8.20
N THR A 26 -21.01 -28.17 7.69
CA THR A 26 -20.90 -29.36 8.53
C THR A 26 -19.73 -30.24 8.10
N PRO A 27 -18.61 -30.22 8.83
CA PRO A 27 -17.51 -31.12 8.48
C PRO A 27 -17.99 -32.57 8.47
N GLY A 28 -17.55 -33.31 7.45
CA GLY A 28 -17.99 -34.68 7.22
C GLY A 28 -19.08 -34.80 6.17
N LYS A 29 -19.96 -33.82 6.04
CA LYS A 29 -20.91 -33.76 4.95
C LYS A 29 -20.56 -32.74 3.88
N ASP A 30 -19.85 -31.67 4.26
CA ASP A 30 -19.47 -30.56 3.39
C ASP A 30 -17.96 -30.47 3.29
N THR A 31 -17.48 -29.71 2.31
CA THR A 31 -16.06 -29.42 2.16
C THR A 31 -15.85 -27.93 1.91
N LEU A 32 -14.83 -27.36 2.55
CA LEU A 32 -14.52 -25.93 2.41
C LEU A 32 -13.24 -25.76 1.60
N TRP A 33 -13.29 -24.96 0.55
CA TRP A 33 -12.09 -24.54 -0.18
C TRP A 33 -11.74 -23.13 0.27
N LEU A 34 -10.46 -22.90 0.57
CA LEU A 34 -9.99 -21.57 0.97
C LEU A 34 -8.88 -21.12 0.02
N THR A 35 -9.03 -19.90 -0.51
CA THR A 35 -8.11 -19.36 -1.50
C THR A 35 -6.78 -18.86 -0.93
N GLY A 36 -6.54 -19.02 0.38
CA GLY A 36 -5.29 -18.56 0.95
C GLY A 36 -5.36 -17.16 1.53
N ASP A 37 -4.20 -16.69 2.01
CA ASP A 37 -4.12 -15.46 2.81
C ASP A 37 -5.05 -15.55 4.01
N LEU A 38 -4.81 -16.58 4.80
CA LEU A 38 -5.62 -16.81 5.99
C LEU A 38 -5.28 -15.86 7.10
N VAL A 39 -4.11 -15.24 7.03
CA VAL A 39 -3.53 -14.55 8.18
C VAL A 39 -3.21 -13.12 7.76
N ALA A 40 -2.94 -12.27 8.78
CA ALA A 40 -2.49 -10.90 8.61
C ALA A 40 -3.62 -9.88 8.35
N ARG A 41 -3.46 -8.68 8.91
CA ARG A 41 -4.35 -7.53 8.81
C ARG A 41 -5.52 -7.65 9.77
N GLY A 42 -6.30 -8.73 9.69
CA GLY A 42 -7.33 -9.01 10.67
C GLY A 42 -6.77 -9.39 12.02
N PRO A 43 -7.63 -9.38 13.05
CA PRO A 43 -7.13 -9.64 14.42
C PRO A 43 -6.99 -11.10 14.82
N GLY A 44 -7.62 -12.04 14.11
CA GLY A 44 -7.62 -13.41 14.61
C GLY A 44 -6.84 -14.44 13.78
N SER A 45 -5.63 -14.08 13.34
CA SER A 45 -4.83 -15.02 12.56
C SER A 45 -4.63 -16.34 13.30
N LEU A 46 -4.39 -16.28 14.62
CA LEU A 46 -4.16 -17.50 15.38
C LEU A 46 -5.39 -18.39 15.39
N ASP A 47 -6.56 -17.79 15.60
CA ASP A 47 -7.79 -18.57 15.65
C ASP A 47 -8.12 -19.16 14.29
N VAL A 48 -7.92 -18.37 13.23
CA VAL A 48 -8.10 -18.89 11.88
C VAL A 48 -7.24 -20.12 11.66
N LEU A 49 -5.94 -20.03 11.96
CA LEU A 49 -5.05 -21.16 11.65
C LEU A 49 -5.45 -22.38 12.47
N ARG A 50 -5.74 -22.18 13.75
CA ARG A 50 -6.17 -23.30 14.58
C ARG A 50 -7.39 -23.99 13.99
N TYR A 51 -8.40 -23.20 13.57
CA TYR A 51 -9.65 -23.81 13.10
C TYR A 51 -9.44 -24.52 11.76
N VAL A 52 -8.80 -23.85 10.81
CA VAL A 52 -8.59 -24.47 9.50
C VAL A 52 -7.79 -25.74 9.63
N LYS A 53 -6.72 -25.72 10.44
CA LYS A 53 -5.95 -26.95 10.63
C LYS A 53 -6.83 -28.04 11.22
N SER A 54 -7.68 -27.70 12.18
CA SER A 54 -8.57 -28.70 12.79
C SER A 54 -9.52 -29.35 11.79
N LEU A 55 -9.83 -28.69 10.67
CA LEU A 55 -10.75 -29.32 9.70
C LEU A 55 -10.18 -30.52 8.94
N GLY A 56 -8.86 -30.69 8.88
CA GLY A 56 -8.32 -31.84 8.16
C GLY A 56 -8.84 -31.96 6.73
N ASP A 57 -9.31 -33.16 6.36
CA ASP A 57 -9.80 -33.47 5.02
C ASP A 57 -11.07 -32.72 4.65
N SER A 58 -11.66 -31.96 5.56
CA SER A 58 -12.84 -31.19 5.21
C SER A 58 -12.49 -29.82 4.66
N VAL A 59 -11.19 -29.54 4.47
CA VAL A 59 -10.75 -28.26 3.93
C VAL A 59 -9.67 -28.51 2.88
N ARG A 60 -9.77 -27.77 1.77
CA ARG A 60 -8.78 -27.74 0.71
C ARG A 60 -8.29 -26.29 0.59
N LEU A 61 -7.07 -26.06 1.05
CA LEU A 61 -6.42 -24.75 1.10
C LEU A 61 -5.40 -24.60 -0.02
N VAL A 62 -5.16 -23.36 -0.44
CA VAL A 62 -3.96 -23.01 -1.18
C VAL A 62 -3.27 -21.87 -0.43
N LEU A 63 -1.95 -21.87 -0.41
CA LEU A 63 -1.19 -20.80 0.21
C LEU A 63 -1.20 -19.54 -0.65
N GLY A 64 -1.36 -18.38 -0.01
CA GLY A 64 -1.20 -17.10 -0.68
C GLY A 64 0.11 -16.41 -0.29
N ASN A 65 0.22 -15.16 -0.72
CA ASN A 65 1.48 -14.44 -0.49
C ASN A 65 1.65 -14.03 0.98
N HIS A 66 0.55 -13.77 1.70
CA HIS A 66 0.71 -13.43 3.12
C HIS A 66 0.96 -14.65 3.98
N ASP A 67 0.43 -15.81 3.60
CA ASP A 67 0.82 -17.03 4.30
C ASP A 67 2.32 -17.24 4.19
N LEU A 68 2.86 -17.06 2.98
CA LEU A 68 4.30 -17.22 2.76
C LEU A 68 5.11 -16.19 3.54
N HIS A 69 4.62 -14.94 3.58
CA HIS A 69 5.31 -13.92 4.39
C HIS A 69 5.33 -14.31 5.86
N LEU A 70 4.20 -14.81 6.37
CA LEU A 70 4.17 -15.31 7.74
C LEU A 70 5.26 -16.34 7.95
N LEU A 71 5.36 -17.30 7.01
CA LEU A 71 6.39 -18.34 7.16
C LEU A 71 7.78 -17.72 7.19
N ALA A 72 8.00 -16.69 6.36
CA ALA A 72 9.30 -16.02 6.33
C ALA A 72 9.60 -15.28 7.64
N VAL A 73 8.60 -14.60 8.22
CA VAL A 73 8.83 -13.97 9.53
C VAL A 73 9.19 -15.03 10.56
N PHE A 74 8.44 -16.14 10.56
CA PHE A 74 8.61 -17.18 11.58
C PHE A 74 10.01 -17.79 11.54
N ALA A 75 10.58 -17.95 10.36
CA ALA A 75 11.90 -18.54 10.20
C ALA A 75 13.02 -17.52 10.35
N GLY A 76 12.69 -16.25 10.63
CA GLY A 76 13.72 -15.25 10.79
C GLY A 76 14.23 -14.66 9.49
N ILE A 77 13.51 -14.87 8.39
CA ILE A 77 13.94 -14.41 7.07
C ILE A 77 13.52 -12.96 6.82
N SER A 78 12.32 -12.59 7.27
CA SER A 78 11.78 -11.26 7.04
C SER A 78 11.38 -10.62 8.37
N ARG A 79 11.22 -9.30 8.32
CA ARG A 79 10.87 -8.52 9.49
C ARG A 79 9.35 -8.54 9.68
N ASN A 80 8.91 -8.61 10.93
CA ASN A 80 7.50 -8.54 11.24
C ASN A 80 6.99 -7.09 11.21
N LYS A 81 5.88 -6.85 10.50
CA LYS A 81 5.25 -5.53 10.51
C LYS A 81 4.16 -5.47 11.56
N PRO A 82 4.18 -4.49 12.45
CA PRO A 82 3.11 -4.41 13.45
C PRO A 82 1.72 -4.43 12.83
N LYS A 83 1.57 -3.78 11.67
CA LYS A 83 0.28 -3.71 10.99
C LYS A 83 -0.25 -5.10 10.62
N ASP A 84 0.62 -6.10 10.45
CA ASP A 84 0.13 -7.44 10.11
C ASP A 84 -0.55 -8.14 11.30
N ARG A 85 -0.32 -7.67 12.52
CA ARG A 85 -0.98 -8.24 13.71
C ARG A 85 -0.69 -9.73 13.87
N LEU A 86 0.54 -10.15 13.63
CA LEU A 86 0.88 -11.57 13.70
C LEU A 86 1.50 -12.00 15.04
N THR A 87 1.73 -11.07 15.97
CA THR A 87 2.46 -11.43 17.18
C THR A 87 1.75 -12.48 18.04
N PRO A 88 0.45 -12.40 18.30
CA PRO A 88 -0.16 -13.48 19.10
C PRO A 88 0.07 -14.84 18.48
N LEU A 89 -0.04 -14.94 17.14
CA LEU A 89 0.19 -16.22 16.46
C LEU A 89 1.65 -16.66 16.60
N LEU A 90 2.58 -15.73 16.40
CA LEU A 90 4.00 -16.03 16.49
C LEU A 90 4.41 -16.46 17.89
N GLU A 91 3.79 -15.89 18.94
CA GLU A 91 4.13 -16.18 20.34
C GLU A 91 3.30 -17.31 20.91
N ALA A 92 2.39 -17.88 20.13
CA ALA A 92 1.51 -18.93 20.63
C ALA A 92 2.33 -20.14 21.04
N PRO A 93 1.93 -20.84 22.09
CA PRO A 93 2.61 -22.09 22.45
C PRO A 93 2.56 -23.14 21.36
N ASP A 94 1.55 -23.10 20.48
CA ASP A 94 1.47 -24.08 19.39
C ASP A 94 1.92 -23.50 18.05
N ALA A 95 2.68 -22.41 18.07
CA ALA A 95 3.14 -21.77 16.84
C ALA A 95 3.86 -22.75 15.93
N ASP A 96 4.80 -23.52 16.48
CA ASP A 96 5.54 -24.50 15.67
C ASP A 96 4.60 -25.48 14.96
N GLU A 97 3.72 -26.13 15.71
CA GLU A 97 2.72 -27.04 15.13
C GLU A 97 1.94 -26.37 13.99
N LEU A 98 1.38 -25.19 14.27
CA LEU A 98 0.54 -24.52 13.28
C LEU A 98 1.33 -24.22 12.01
N LEU A 99 2.54 -23.71 12.15
CA LEU A 99 3.24 -23.24 10.95
C LEU A 99 3.91 -24.38 10.19
N ASN A 100 4.34 -25.44 10.88
CA ASN A 100 4.82 -26.63 10.16
C ASN A 100 3.69 -27.33 9.45
N TRP A 101 2.47 -27.25 9.97
CA TRP A 101 1.32 -27.68 9.19
C TRP A 101 1.13 -26.76 7.97
N LEU A 102 1.17 -25.44 8.18
CA LEU A 102 0.85 -24.50 7.09
C LEU A 102 1.82 -24.63 5.92
N ARG A 103 3.11 -24.83 6.21
CA ARG A 103 4.04 -24.88 5.09
C ARG A 103 3.91 -26.15 4.28
N ARG A 104 3.12 -27.13 4.74
CA ARG A 104 2.96 -28.37 4.02
C ARG A 104 1.69 -28.40 3.17
N GLN A 105 1.01 -27.26 3.03
CA GLN A 105 -0.21 -27.19 2.24
C GLN A 105 0.08 -26.84 0.78
N PRO A 106 -0.85 -27.18 -0.10
CA PRO A 106 -0.58 -27.02 -1.54
C PRO A 106 -0.60 -25.57 -1.98
N LEU A 107 -0.06 -25.36 -3.18
CA LEU A 107 -0.25 -24.12 -3.93
C LEU A 107 -1.41 -24.21 -4.90
N LEU A 108 -1.92 -25.41 -5.16
CA LEU A 108 -2.85 -25.64 -6.25
C LEU A 108 -3.78 -26.77 -5.83
N GLN A 109 -5.08 -26.60 -6.06
CA GLN A 109 -6.08 -27.60 -5.77
C GLN A 109 -6.82 -27.93 -7.06
N ILE A 110 -7.04 -29.22 -7.33
CA ILE A 110 -7.70 -29.66 -8.56
C ILE A 110 -8.73 -30.73 -8.22
N ASP A 111 -9.96 -30.54 -8.72
CA ASP A 111 -11.03 -31.53 -8.58
C ASP A 111 -11.58 -31.85 -9.97
N GLU A 112 -11.22 -33.04 -10.48
CA GLU A 112 -11.59 -33.44 -11.84
C GLU A 112 -13.09 -33.60 -11.99
N GLU A 113 -13.76 -34.18 -10.98
CA GLU A 113 -15.20 -34.41 -11.10
C GLU A 113 -15.98 -33.09 -11.13
N LYS A 114 -15.47 -32.04 -10.49
CA LYS A 114 -16.12 -30.73 -10.55
C LYS A 114 -15.54 -29.86 -11.66
N LYS A 115 -14.51 -30.34 -12.34
CA LYS A 115 -13.78 -29.55 -13.32
C LYS A 115 -13.40 -28.20 -12.72
N LEU A 116 -12.78 -28.24 -11.53
CA LEU A 116 -12.53 -27.03 -10.77
C LEU A 116 -11.06 -26.97 -10.34
N VAL A 117 -10.43 -25.83 -10.63
CA VAL A 117 -9.05 -25.54 -10.28
C VAL A 117 -9.05 -24.32 -9.36
N MET A 118 -8.22 -24.36 -8.29
CA MET A 118 -8.03 -23.24 -7.38
C MET A 118 -6.55 -22.96 -7.14
N ALA A 119 -6.17 -21.69 -7.23
CA ALA A 119 -4.88 -21.19 -6.81
C ALA A 119 -5.06 -19.81 -6.21
N HIS A 120 -4.08 -19.32 -5.47
CA HIS A 120 -4.34 -18.09 -4.73
C HIS A 120 -4.59 -16.91 -5.67
N ALA A 121 -3.76 -16.79 -6.73
CA ALA A 121 -3.84 -15.69 -7.70
C ALA A 121 -4.53 -16.06 -9.02
N GLY A 122 -4.67 -17.35 -9.32
CA GLY A 122 -5.19 -17.80 -10.61
C GLY A 122 -4.19 -18.71 -11.30
N ILE A 123 -4.42 -18.92 -12.60
CA ILE A 123 -3.55 -19.79 -13.40
C ILE A 123 -3.03 -18.98 -14.56
N THR A 124 -1.71 -18.77 -14.62
CA THR A 124 -1.17 -17.99 -15.73
C THR A 124 -1.55 -18.64 -17.06
N PRO A 125 -1.90 -17.84 -18.07
CA PRO A 125 -2.22 -18.40 -19.39
C PRO A 125 -1.04 -19.07 -20.08
N GLN A 126 0.20 -18.84 -19.63
CA GLN A 126 1.34 -19.52 -20.21
C GLN A 126 1.46 -20.97 -19.78
N TRP A 127 0.59 -21.43 -18.90
CA TRP A 127 0.67 -22.77 -18.36
C TRP A 127 -0.49 -23.62 -18.85
N ASP A 128 -0.19 -24.87 -19.22
CA ASP A 128 -1.20 -25.90 -19.29
C ASP A 128 -1.30 -26.56 -17.90
N LEU A 129 -2.25 -27.49 -17.77
CA LEU A 129 -2.53 -28.03 -16.44
C LEU A 129 -1.38 -28.88 -15.94
N GLN A 130 -0.80 -29.73 -16.81
CA GLN A 130 0.33 -30.56 -16.39
C GLN A 130 1.49 -29.70 -15.87
N THR A 131 1.78 -28.59 -16.56
CA THR A 131 2.82 -27.69 -16.11
C THR A 131 2.46 -27.03 -14.79
N ALA A 132 1.24 -26.50 -14.68
CA ALA A 132 0.82 -25.93 -13.41
C ALA A 132 1.06 -26.92 -12.29
N LYS A 133 0.69 -28.18 -12.52
CA LYS A 133 0.86 -29.22 -11.49
C LYS A 133 2.32 -29.39 -11.13
N GLU A 134 3.18 -29.50 -12.14
CA GLU A 134 4.59 -29.74 -11.87
C GLU A 134 5.20 -28.60 -11.08
N CYS A 135 4.89 -27.37 -11.46
CA CYS A 135 5.46 -26.23 -10.74
C CYS A 135 4.94 -26.19 -9.30
N ALA A 136 3.65 -26.44 -9.10
CA ALA A 136 3.12 -26.53 -7.75
C ALA A 136 3.91 -27.57 -6.95
N ARG A 137 4.15 -28.73 -7.56
CA ARG A 137 4.82 -29.81 -6.82
C ARG A 137 6.24 -29.41 -6.47
N ASP A 138 6.94 -28.75 -7.40
CA ASP A 138 8.29 -28.27 -7.12
C ASP A 138 8.31 -27.35 -5.90
N VAL A 139 7.50 -26.28 -5.92
CA VAL A 139 7.58 -25.32 -4.82
C VAL A 139 7.12 -25.97 -3.52
N GLU A 140 6.11 -26.84 -3.60
CA GLU A 140 5.62 -27.53 -2.42
C GLU A 140 6.71 -28.39 -1.79
N ALA A 141 7.49 -29.08 -2.63
CA ALA A 141 8.56 -29.91 -2.07
C ALA A 141 9.56 -29.05 -1.33
N VAL A 142 9.90 -27.88 -1.90
CA VAL A 142 10.81 -27.02 -1.15
C VAL A 142 10.18 -26.59 0.18
N LEU A 143 8.91 -26.17 0.14
CA LEU A 143 8.28 -25.60 1.33
C LEU A 143 8.16 -26.60 2.46
N SER A 144 7.93 -27.87 2.15
CA SER A 144 7.78 -28.87 3.20
C SER A 144 9.09 -29.57 3.54
N SER A 145 10.23 -29.05 3.08
CA SER A 145 11.51 -29.64 3.39
C SER A 145 12.15 -28.96 4.59
N ASP A 146 13.18 -29.59 5.15
CA ASP A 146 13.86 -28.98 6.28
C ASP A 146 14.58 -27.69 5.91
N SER A 147 14.76 -27.42 4.62
CA SER A 147 15.49 -26.25 4.16
C SER A 147 14.58 -25.14 3.60
N TYR A 148 13.32 -25.11 4.01
CA TYR A 148 12.41 -24.09 3.48
C TYR A 148 12.84 -22.66 3.80
N PRO A 149 13.57 -22.36 4.87
CA PRO A 149 13.97 -20.96 5.10
C PRO A 149 14.82 -20.38 3.97
N PHE A 150 15.68 -21.19 3.35
CA PHE A 150 16.49 -20.69 2.25
C PHE A 150 15.61 -20.38 1.06
N PHE A 151 14.62 -21.23 0.80
CA PHE A 151 13.66 -20.89 -0.25
C PHE A 151 12.96 -19.59 0.03
N LEU A 152 12.42 -19.43 1.24
CA LEU A 152 11.67 -18.21 1.51
C LEU A 152 12.54 -16.99 1.25
N ASP A 153 13.82 -17.04 1.69
CA ASP A 153 14.76 -15.96 1.37
C ASP A 153 14.86 -15.76 -0.14
N ALA A 154 14.91 -16.86 -0.90
CA ALA A 154 15.10 -16.72 -2.34
C ALA A 154 13.84 -16.20 -3.05
N MET A 155 12.65 -16.45 -2.50
CA MET A 155 11.42 -16.24 -3.25
C MET A 155 11.21 -14.79 -3.62
N TYR A 156 11.75 -13.85 -2.84
CA TYR A 156 11.50 -12.45 -3.09
C TYR A 156 12.17 -12.02 -4.40
N GLY A 157 11.44 -11.27 -5.22
CA GLY A 157 11.94 -10.83 -6.51
C GLY A 157 10.82 -10.81 -7.54
N ASP A 158 11.00 -9.98 -8.57
CA ASP A 158 9.97 -9.78 -9.59
C ASP A 158 10.31 -10.33 -10.97
N MET A 159 11.46 -10.99 -11.13
CA MET A 159 11.89 -11.59 -12.38
C MET A 159 12.34 -13.02 -12.15
N PRO A 160 12.30 -13.86 -13.19
CA PRO A 160 11.80 -13.60 -14.54
C PRO A 160 10.27 -13.60 -14.62
N ASN A 161 9.69 -12.94 -15.62
CA ASN A 161 8.24 -12.79 -15.72
C ASN A 161 7.66 -13.47 -16.95
N ASN A 162 8.44 -14.30 -17.63
CA ASN A 162 7.99 -15.07 -18.78
C ASN A 162 8.31 -16.53 -18.52
N TRP A 163 7.33 -17.41 -18.69
CA TRP A 163 7.57 -18.81 -18.44
C TRP A 163 8.33 -19.48 -19.59
N SER A 164 9.19 -20.45 -19.22
CA SER A 164 9.78 -21.40 -20.16
C SER A 164 10.07 -22.70 -19.43
N PRO A 165 9.74 -23.85 -20.02
CA PRO A 165 10.13 -25.12 -19.41
C PRO A 165 11.66 -25.18 -19.20
N GLU A 166 12.42 -24.36 -19.93
CA GLU A 166 13.88 -24.35 -19.77
C GLU A 166 14.39 -23.53 -18.60
N LEU A 167 13.53 -22.80 -17.89
CA LEU A 167 13.98 -22.04 -16.71
C LEU A 167 14.54 -22.98 -15.66
N ARG A 168 15.58 -22.53 -14.92
CA ARG A 168 16.18 -23.36 -13.86
C ARG A 168 16.42 -22.60 -12.56
N GLY A 169 16.62 -23.37 -11.48
CA GLY A 169 17.04 -22.81 -10.21
C GLY A 169 16.10 -21.72 -9.69
N LEU A 170 16.73 -20.67 -9.16
CA LEU A 170 16.01 -19.64 -8.42
C LEU A 170 15.03 -18.89 -9.31
N GLY A 171 15.42 -18.59 -10.53
CA GLY A 171 14.49 -17.96 -11.45
C GLY A 171 13.24 -18.78 -11.62
N ARG A 172 13.40 -20.10 -11.77
CA ARG A 172 12.23 -20.96 -11.91
C ARG A 172 11.34 -20.89 -10.68
N LEU A 173 11.94 -21.04 -9.48
CA LEU A 173 11.17 -20.95 -8.24
C LEU A 173 10.45 -19.61 -8.09
N ARG A 174 11.14 -18.51 -8.38
CA ARG A 174 10.58 -17.17 -8.26
C ARG A 174 9.41 -16.95 -9.21
N PHE A 175 9.55 -17.37 -10.48
CA PHE A 175 8.42 -17.26 -11.40
C PHE A 175 7.23 -18.11 -10.94
N ILE A 176 7.48 -19.34 -10.48
CA ILE A 176 6.36 -20.17 -10.05
C ILE A 176 5.62 -19.49 -8.91
N THR A 177 6.38 -18.99 -7.92
CA THR A 177 5.80 -18.35 -6.75
C THR A 177 5.01 -17.12 -7.12
N ASN A 178 5.55 -16.28 -8.01
CA ASN A 178 4.86 -15.06 -8.39
C ASN A 178 3.59 -15.36 -9.18
N ALA A 179 3.64 -16.36 -10.07
CA ALA A 179 2.47 -16.69 -10.86
C ALA A 179 1.35 -17.22 -9.97
N PHE A 180 1.68 -18.04 -8.97
CA PHE A 180 0.65 -18.62 -8.11
C PHE A 180 0.11 -17.66 -7.04
N THR A 181 0.94 -16.75 -6.50
CA THR A 181 0.52 -15.98 -5.34
C THR A 181 0.48 -14.48 -5.53
N ARG A 182 0.99 -13.95 -6.63
CA ARG A 182 1.03 -12.50 -6.81
C ARG A 182 0.43 -12.01 -8.11
N MET A 183 0.13 -12.90 -9.07
CA MET A 183 -0.27 -12.51 -10.41
C MET A 183 -1.56 -11.69 -10.39
N ARG A 184 -1.61 -10.68 -11.26
CA ARG A 184 -2.83 -9.97 -11.59
C ARG A 184 -2.91 -9.71 -13.09
N PHE A 185 -2.15 -8.71 -13.56
CA PHE A 185 -2.14 -8.30 -14.96
C PHE A 185 -1.04 -8.98 -15.77
N CYS A 186 -1.34 -9.22 -17.04
CA CYS A 186 -0.40 -9.75 -18.02
C CYS A 186 -0.22 -8.77 -19.17
N PHE A 187 0.91 -8.91 -19.86
CA PHE A 187 1.11 -8.38 -21.20
C PHE A 187 0.46 -9.32 -22.22
N PRO A 188 0.20 -8.83 -23.43
CA PRO A 188 -0.55 -9.67 -24.39
C PRO A 188 0.02 -11.05 -24.60
N ASN A 189 1.34 -11.23 -24.43
CA ASN A 189 1.95 -12.54 -24.58
C ASN A 189 1.86 -13.42 -23.34
N GLY A 190 1.20 -12.97 -22.27
CA GLY A 190 1.07 -13.74 -21.05
C GLY A 190 2.11 -13.41 -19.99
N GLN A 191 3.07 -12.57 -20.33
CA GLN A 191 4.16 -12.22 -19.42
C GLN A 191 3.63 -11.42 -18.23
N LEU A 192 4.17 -11.70 -17.04
CA LEU A 192 3.63 -11.18 -15.79
C LEU A 192 4.07 -9.74 -15.52
N ASP A 193 3.14 -8.93 -15.03
CA ASP A 193 3.42 -7.60 -14.48
C ASP A 193 3.25 -7.60 -12.96
N MET A 194 4.26 -7.11 -12.24
CA MET A 194 4.30 -7.23 -10.78
C MET A 194 4.16 -5.90 -10.05
N TYR A 195 3.66 -4.86 -10.71
CA TYR A 195 3.61 -3.52 -10.14
C TYR A 195 2.22 -2.91 -10.02
N SER A 196 1.30 -3.28 -10.91
CA SER A 196 -0.08 -2.78 -10.86
C SER A 196 -0.94 -3.68 -9.97
N LYS A 197 -1.57 -3.06 -8.97
CA LYS A 197 -2.52 -3.73 -8.08
C LYS A 197 -3.92 -3.14 -8.17
N GLU A 198 -4.18 -2.28 -9.15
CA GLU A 198 -5.47 -1.59 -9.25
C GLU A 198 -6.49 -2.44 -10.00
N SER A 199 -7.71 -1.90 -10.11
CA SER A 199 -8.77 -2.56 -10.85
C SER A 199 -8.46 -2.56 -12.35
N PRO A 200 -9.01 -3.52 -13.09
CA PRO A 200 -8.72 -3.60 -14.53
C PRO A 200 -8.98 -2.31 -15.27
N GLU A 201 -9.98 -1.53 -14.87
CA GLU A 201 -10.31 -0.29 -15.55
C GLU A 201 -9.27 0.80 -15.30
N GLU A 202 -8.44 0.68 -14.28
CA GLU A 202 -7.43 1.67 -14.00
C GLU A 202 -6.06 1.32 -14.57
N ALA A 203 -5.89 0.10 -15.10
CA ALA A 203 -4.56 -0.26 -15.56
C ALA A 203 -4.32 0.28 -16.96
N PRO A 204 -3.10 0.71 -17.26
CA PRO A 204 -2.80 1.19 -18.62
C PRO A 204 -2.71 0.05 -19.61
N ALA A 205 -3.12 0.34 -20.85
CA ALA A 205 -2.89 -0.59 -21.94
C ALA A 205 -1.38 -0.79 -22.08
N PRO A 206 -0.93 -1.94 -22.61
CA PRO A 206 -1.70 -3.08 -23.10
C PRO A 206 -1.91 -4.14 -22.02
N LEU A 207 -1.96 -3.73 -20.74
CA LEU A 207 -2.15 -4.70 -19.66
C LEU A 207 -3.61 -5.13 -19.60
N LYS A 208 -3.82 -6.42 -19.38
CA LYS A 208 -5.12 -7.01 -19.20
C LYS A 208 -5.04 -8.01 -18.05
N PRO A 209 -6.17 -8.30 -17.40
CA PRO A 209 -6.15 -9.32 -16.35
C PRO A 209 -5.70 -10.65 -16.93
N TRP A 210 -4.99 -11.42 -16.11
CA TRP A 210 -4.52 -12.71 -16.58
C TRP A 210 -5.64 -13.54 -17.19
N PHE A 211 -6.86 -13.39 -16.68
CA PHE A 211 -7.98 -14.20 -17.15
C PHE A 211 -8.63 -13.66 -18.41
N ALA A 212 -8.26 -12.47 -18.88
CA ALA A 212 -8.72 -11.96 -20.16
C ALA A 212 -7.87 -12.48 -21.31
N ILE A 213 -6.96 -13.40 -21.05
CA ILE A 213 -6.08 -13.96 -22.06
C ILE A 213 -6.35 -15.46 -22.16
N PRO A 214 -6.81 -15.96 -23.30
CA PRO A 214 -7.18 -17.37 -23.36
C PRO A 214 -5.98 -18.24 -23.01
N GLY A 215 -6.20 -19.17 -22.09
CA GLY A 215 -5.18 -20.08 -21.64
C GLY A 215 -5.72 -21.49 -21.63
N PRO A 216 -4.85 -22.47 -21.85
CA PRO A 216 -5.36 -23.85 -21.98
C PRO A 216 -6.11 -24.34 -20.75
N VAL A 217 -5.66 -23.99 -19.54
CA VAL A 217 -6.38 -24.43 -18.33
C VAL A 217 -7.78 -23.84 -18.29
N ALA A 218 -7.89 -22.52 -18.48
CA ALA A 218 -9.19 -21.86 -18.39
C ALA A 218 -10.16 -22.34 -19.47
N GLU A 219 -9.65 -22.97 -20.53
CA GLU A 219 -10.50 -23.46 -21.62
C GLU A 219 -11.20 -24.76 -21.26
N GLU A 220 -10.64 -25.54 -20.35
CA GLU A 220 -11.23 -26.79 -19.93
C GLU A 220 -11.75 -26.80 -18.50
N TYR A 221 -11.40 -25.80 -17.68
CA TYR A 221 -11.69 -25.88 -16.25
C TYR A 221 -12.26 -24.56 -15.74
N SER A 222 -13.10 -24.63 -14.73
CA SER A 222 -13.39 -23.44 -13.94
C SER A 222 -12.20 -23.12 -13.04
N ILE A 223 -11.99 -21.83 -12.78
CA ILE A 223 -10.89 -21.41 -11.92
C ILE A 223 -11.41 -20.45 -10.86
N ALA A 224 -11.22 -20.81 -9.58
CA ALA A 224 -11.52 -19.95 -8.44
C ALA A 224 -10.22 -19.43 -7.86
N PHE A 225 -10.24 -18.19 -7.38
CA PHE A 225 -9.02 -17.56 -6.85
C PHE A 225 -9.41 -16.42 -5.94
N GLY A 226 -8.44 -15.93 -5.17
CA GLY A 226 -8.65 -14.79 -4.28
C GLY A 226 -7.70 -13.66 -4.60
N HIS A 227 -6.95 -13.18 -3.60
CA HIS A 227 -5.78 -12.30 -3.76
C HIS A 227 -6.07 -10.87 -4.23
N TRP A 228 -6.83 -10.70 -5.30
CA TRP A 228 -6.92 -9.44 -6.04
C TRP A 228 -8.11 -8.62 -5.55
N ALA A 229 -7.91 -7.93 -4.43
CA ALA A 229 -9.02 -7.29 -3.71
C ALA A 229 -9.66 -6.15 -4.50
N SER A 230 -8.88 -5.39 -5.28
CA SER A 230 -9.47 -4.25 -5.97
C SER A 230 -10.31 -4.69 -7.17
N LEU A 231 -10.26 -5.97 -7.52
CA LEU A 231 -11.24 -6.54 -8.44
C LEU A 231 -12.64 -6.53 -7.84
N GLU A 232 -12.75 -6.59 -6.52
CA GLU A 232 -14.04 -6.60 -5.83
C GLU A 232 -14.94 -7.72 -6.32
N GLY A 233 -14.34 -8.83 -6.75
CA GLY A 233 -15.09 -9.98 -7.24
C GLY A 233 -15.85 -9.81 -8.54
N LYS A 234 -15.71 -8.69 -9.26
CA LYS A 234 -16.53 -8.46 -10.45
C LYS A 234 -15.68 -8.43 -11.71
N GLY A 235 -16.36 -8.55 -12.86
CA GLY A 235 -15.74 -8.37 -14.16
C GLY A 235 -15.07 -9.59 -14.73
N THR A 236 -15.40 -10.80 -14.24
CA THR A 236 -14.71 -11.99 -14.70
C THR A 236 -15.54 -12.68 -15.78
N PRO A 237 -14.91 -13.39 -16.71
CA PRO A 237 -15.68 -14.14 -17.71
C PRO A 237 -16.33 -15.36 -17.06
N GLU A 238 -17.27 -15.95 -17.80
CA GLU A 238 -17.92 -17.15 -17.31
C GLU A 238 -16.87 -18.23 -17.04
N GLY A 239 -17.01 -18.92 -15.93
CA GLY A 239 -16.05 -19.93 -15.54
C GLY A 239 -14.90 -19.44 -14.69
N ILE A 240 -14.82 -18.14 -14.41
CA ILE A 240 -13.77 -17.54 -13.59
C ILE A 240 -14.43 -16.93 -12.36
N TYR A 241 -14.00 -17.35 -11.16
CA TYR A 241 -14.62 -16.91 -9.91
C TYR A 241 -13.58 -16.21 -9.02
N ALA A 242 -13.69 -14.89 -8.93
CA ALA A 242 -12.84 -14.08 -8.06
C ALA A 242 -13.57 -13.92 -6.73
N LEU A 243 -13.02 -14.54 -5.69
CA LEU A 243 -13.73 -14.66 -4.41
C LEU A 243 -13.26 -13.67 -3.35
N ASP A 244 -12.21 -12.88 -3.59
CA ASP A 244 -11.72 -11.95 -2.60
C ASP A 244 -12.44 -10.61 -2.71
N THR A 245 -13.32 -10.34 -1.75
CA THR A 245 -14.06 -9.07 -1.70
C THR A 245 -13.58 -8.17 -0.55
N GLY A 246 -12.34 -8.37 -0.07
CA GLY A 246 -11.71 -7.44 0.84
C GLY A 246 -12.29 -7.37 2.24
N CYS A 247 -12.54 -8.53 2.86
CA CYS A 247 -13.13 -8.50 4.19
C CYS A 247 -12.25 -7.74 5.17
N CYS A 248 -10.94 -8.02 5.15
CA CYS A 248 -10.07 -7.33 6.11
C CYS A 248 -9.99 -5.83 5.82
N TRP A 249 -10.33 -5.39 4.61
CA TRP A 249 -10.34 -3.97 4.28
C TRP A 249 -11.68 -3.30 4.58
N GLY A 250 -12.61 -4.00 5.24
CA GLY A 250 -13.93 -3.46 5.47
C GLY A 250 -14.94 -3.74 4.39
N GLY A 251 -14.59 -4.58 3.41
CA GLY A 251 -15.55 -5.01 2.43
C GLY A 251 -16.34 -6.17 3.00
N THR A 252 -16.31 -7.31 2.31
CA THR A 252 -17.13 -8.45 2.72
C THR A 252 -16.30 -9.73 2.57
N LEU A 253 -16.73 -10.75 3.29
CA LEU A 253 -16.28 -12.10 3.08
C LEU A 253 -17.33 -12.84 2.25
N THR A 254 -16.89 -13.47 1.17
CA THR A 254 -17.81 -14.09 0.23
C THR A 254 -17.61 -15.61 0.25
N CYS A 255 -18.73 -16.34 0.22
CA CYS A 255 -18.77 -17.80 0.12
C CYS A 255 -19.62 -18.19 -1.08
N LEU A 256 -19.09 -19.07 -1.93
CA LEU A 256 -19.77 -19.58 -3.10
C LEU A 256 -20.04 -21.07 -2.89
N ARG A 257 -21.31 -21.46 -2.96
CA ARG A 257 -21.66 -22.88 -2.95
C ARG A 257 -21.61 -23.38 -4.38
N TRP A 258 -20.81 -24.43 -4.59
CA TRP A 258 -20.48 -24.86 -5.94
C TRP A 258 -21.66 -25.54 -6.62
N GLU A 259 -22.44 -26.33 -5.89
CA GLU A 259 -23.52 -27.10 -6.53
C GLU A 259 -24.54 -26.21 -7.23
N ASP A 260 -24.90 -25.07 -6.62
CA ASP A 260 -25.87 -24.21 -7.27
C ASP A 260 -25.28 -22.85 -7.63
N LYS A 261 -23.97 -22.66 -7.45
CA LYS A 261 -23.32 -21.38 -7.71
C LYS A 261 -24.01 -20.26 -6.94
N GLN A 262 -24.40 -20.54 -5.69
CA GLN A 262 -25.14 -19.56 -4.89
C GLN A 262 -24.17 -18.80 -3.99
N TYR A 263 -24.28 -17.47 -3.97
CA TYR A 263 -23.40 -16.62 -3.19
C TYR A 263 -24.02 -16.29 -1.84
N PHE A 264 -23.18 -16.31 -0.79
CA PHE A 264 -23.51 -15.88 0.56
C PHE A 264 -22.44 -14.91 1.02
N VAL A 265 -22.85 -13.80 1.63
CA VAL A 265 -21.93 -12.70 1.90
C VAL A 265 -22.03 -12.28 3.37
N GLN A 266 -20.88 -11.97 3.97
CA GLN A 266 -20.82 -11.58 5.37
C GLN A 266 -20.13 -10.22 5.44
N PRO A 267 -20.79 -9.19 5.96
CA PRO A 267 -20.16 -7.86 6.03
C PRO A 267 -19.00 -7.84 7.00
N SER A 268 -18.03 -6.98 6.69
CA SER A 268 -16.91 -6.78 7.60
C SER A 268 -17.41 -6.16 8.91
N ASN A 269 -16.85 -6.61 10.04
CA ASN A 269 -17.22 -6.20 11.40
C ASN A 269 -16.88 -4.75 11.76
N ARG A 270 -16.40 -3.88 10.88
CA ARG A 270 -16.26 -2.45 11.20
C ARG A 270 -17.47 -1.90 11.98
N ALA C 2 0.61 39.33 6.55
CA ALA C 2 0.27 38.20 7.39
C ALA C 2 0.86 36.90 6.81
N THR C 3 0.93 35.85 7.62
CA THR C 3 1.51 34.56 7.25
C THR C 3 0.46 33.50 7.47
N TYR C 4 0.14 32.75 6.41
CA TYR C 4 -0.89 31.72 6.42
C TYR C 4 -0.25 30.38 6.07
N LEU C 5 -0.64 29.35 6.80
CA LEU C 5 -0.18 27.99 6.53
C LEU C 5 -1.40 27.11 6.28
N ILE C 6 -1.40 26.40 5.16
CA ILE C 6 -2.52 25.58 4.75
C ILE C 6 -2.00 24.18 4.50
N GLY C 7 -2.78 23.17 4.92
CA GLY C 7 -2.40 21.79 4.77
C GLY C 7 -2.73 21.23 3.40
N ASP C 8 -2.68 19.91 3.28
CA ASP C 8 -2.70 19.29 1.97
C ASP C 8 -3.93 19.73 1.18
N VAL C 9 -3.69 20.30 -0.01
CA VAL C 9 -4.79 20.78 -0.85
C VAL C 9 -5.37 19.66 -1.73
N HIS C 10 -4.53 18.75 -2.24
CA HIS C 10 -4.99 17.60 -3.03
C HIS C 10 -5.99 18.01 -4.12
N GLY C 11 -5.62 18.99 -4.94
CA GLY C 11 -6.44 19.37 -6.07
C GLY C 11 -7.77 20.04 -5.73
N CYS C 12 -7.98 20.40 -4.47
CA CYS C 12 -9.23 21.07 -4.07
C CYS C 12 -9.08 22.58 -4.29
N TYR C 13 -9.05 22.95 -5.58
CA TYR C 13 -8.82 24.33 -5.96
C TYR C 13 -9.93 25.26 -5.42
N ASP C 14 -11.20 24.85 -5.57
CA ASP C 14 -12.30 25.71 -5.12
C ASP C 14 -12.22 26.00 -3.62
N GLU C 15 -11.95 24.97 -2.80
CA GLU C 15 -11.84 25.17 -1.36
C GLU C 15 -10.63 26.04 -1.03
N LEU C 16 -9.52 25.84 -1.73
CA LEU C 16 -8.33 26.65 -1.52
C LEU C 16 -8.64 28.13 -1.75
N ILE C 17 -9.27 28.45 -2.89
CA ILE C 17 -9.52 29.86 -3.21
C ILE C 17 -10.54 30.46 -2.25
N ALA C 18 -11.59 29.72 -1.90
CA ALA C 18 -12.53 30.27 -0.93
C ALA C 18 -11.84 30.59 0.39
N LEU C 19 -10.97 29.70 0.86
CA LEU C 19 -10.27 29.92 2.12
C LEU C 19 -9.38 31.14 2.03
N LEU C 20 -8.68 31.31 0.91
CA LEU C 20 -7.83 32.50 0.78
C LEU C 20 -8.66 33.78 0.66
N HIS C 21 -9.86 33.70 0.11
CA HIS C 21 -10.72 34.87 0.06
C HIS C 21 -11.28 35.19 1.43
N LYS C 22 -11.58 34.16 2.23
CA LYS C 22 -12.04 34.39 3.58
C LYS C 22 -11.05 35.27 4.35
N VAL C 23 -9.74 35.03 4.16
CA VAL C 23 -8.73 35.77 4.88
C VAL C 23 -8.16 36.93 4.06
N GLU C 24 -8.71 37.19 2.87
CA GLU C 24 -8.27 38.30 2.02
C GLU C 24 -6.77 38.23 1.77
N PHE C 25 -6.31 37.04 1.39
CA PHE C 25 -4.90 36.84 1.08
C PHE C 25 -4.46 37.74 -0.07
N THR C 26 -3.38 38.48 0.14
CA THR C 26 -2.93 39.48 -0.81
C THR C 26 -1.45 39.27 -1.16
N PRO C 27 -1.15 38.67 -2.32
CA PRO C 27 0.25 38.50 -2.71
C PRO C 27 1.01 39.83 -2.67
N GLY C 28 2.24 39.79 -2.17
CA GLY C 28 3.02 40.99 -1.97
C GLY C 28 2.94 41.54 -0.55
N LYS C 29 1.80 41.34 0.13
CA LYS C 29 1.70 41.69 1.53
C LYS C 29 1.69 40.47 2.45
N ASP C 30 1.21 39.34 1.95
CA ASP C 30 1.08 38.12 2.72
C ASP C 30 1.97 37.05 2.11
N THR C 31 2.19 35.99 2.90
CA THR C 31 2.91 34.80 2.44
C THR C 31 2.11 33.56 2.83
N LEU C 32 2.04 32.62 1.90
CA LEU C 32 1.29 31.38 2.07
C LEU C 32 2.29 30.24 2.16
N TRP C 33 2.25 29.48 3.25
CA TRP C 33 3.05 28.27 3.39
C TRP C 33 2.13 27.10 3.09
N LEU C 34 2.61 26.16 2.26
CA LEU C 34 1.82 24.98 1.89
C LEU C 34 2.55 23.71 2.29
N THR C 35 1.85 22.79 2.97
CA THR C 35 2.47 21.55 3.46
C THR C 35 2.70 20.51 2.38
N GLY C 36 2.36 20.77 1.12
CA GLY C 36 2.60 19.78 0.08
C GLY C 36 1.40 18.88 -0.16
N ASP C 37 1.59 17.91 -1.05
CA ASP C 37 0.48 17.15 -1.60
C ASP C 37 -0.56 18.12 -2.18
N LEU C 38 -0.08 18.93 -3.13
CA LEU C 38 -0.91 19.90 -3.84
C LEU C 38 -1.84 19.23 -4.84
N VAL C 39 -1.50 18.02 -5.27
CA VAL C 39 -2.14 17.39 -6.41
C VAL C 39 -2.75 16.05 -6.01
N ALA C 40 -3.61 15.53 -6.91
CA ALA C 40 -4.21 14.19 -6.86
C ALA C 40 -5.44 14.10 -5.97
N ARG C 41 -6.38 13.21 -6.37
CA ARG C 41 -7.61 12.93 -5.64
C ARG C 41 -8.68 13.99 -5.88
N GLY C 42 -8.38 15.26 -5.57
CA GLY C 42 -9.28 16.35 -5.91
C GLY C 42 -9.33 16.56 -7.41
N PRO C 43 -10.32 17.31 -7.90
CA PRO C 43 -10.46 17.47 -9.36
C PRO C 43 -9.58 18.55 -9.98
N GLY C 44 -8.99 19.47 -9.21
CA GLY C 44 -8.27 20.58 -9.83
C GLY C 44 -6.78 20.71 -9.63
N SER C 45 -6.04 19.60 -9.75
CA SER C 45 -4.59 19.63 -9.58
C SER C 45 -3.95 20.62 -10.53
N LEU C 46 -4.46 20.70 -11.77
CA LEU C 46 -3.89 21.60 -12.75
C LEU C 46 -4.07 23.06 -12.32
N ASP C 47 -5.27 23.40 -11.83
CA ASP C 47 -5.48 24.78 -11.41
C ASP C 47 -4.63 25.12 -10.19
N VAL C 48 -4.57 24.20 -9.22
CA VAL C 48 -3.72 24.44 -8.05
C VAL C 48 -2.29 24.74 -8.48
N LEU C 49 -1.71 23.91 -9.35
CA LEU C 49 -0.29 24.12 -9.69
C LEU C 49 -0.10 25.44 -10.42
N ARG C 50 -0.96 25.73 -11.40
CA ARG C 50 -0.84 27.02 -12.07
C ARG C 50 -0.87 28.16 -11.05
N TYR C 51 -1.81 28.10 -10.11
CA TYR C 51 -1.98 29.22 -9.19
C TYR C 51 -0.78 29.33 -8.22
N VAL C 52 -0.41 28.21 -7.61
CA VAL C 52 0.69 28.24 -6.64
C VAL C 52 1.95 28.76 -7.32
N LYS C 53 2.24 28.27 -8.54
CA LYS C 53 3.43 28.75 -9.23
C LYS C 53 3.35 30.24 -9.55
N SER C 54 2.17 30.73 -9.97
CA SER C 54 2.04 32.16 -10.27
C SER C 54 2.31 33.03 -9.04
N LEU C 55 2.19 32.48 -7.83
CA LEU C 55 2.43 33.31 -6.64
C LEU C 55 3.91 33.73 -6.44
N GLY C 56 4.86 33.09 -7.12
CA GLY C 56 6.25 33.50 -6.95
C GLY C 56 6.73 33.50 -5.50
N ASP C 57 7.33 34.62 -5.07
CA ASP C 57 7.88 34.76 -3.73
C ASP C 57 6.84 34.80 -2.62
N SER C 58 5.55 34.85 -2.95
CA SER C 58 4.52 34.91 -1.93
C SER C 58 4.09 33.53 -1.43
N VAL C 59 4.74 32.46 -1.89
CA VAL C 59 4.41 31.13 -1.41
C VAL C 59 5.70 30.40 -1.05
N ARG C 60 5.66 29.68 0.08
CA ARG C 60 6.73 28.79 0.55
C ARG C 60 6.15 27.39 0.63
N LEU C 61 6.50 26.55 -0.34
CA LEU C 61 6.00 25.20 -0.45
C LEU C 61 7.04 24.19 0.00
N VAL C 62 6.58 23.03 0.50
CA VAL C 62 7.40 21.81 0.59
C VAL C 62 6.69 20.71 -0.18
N LEU C 63 7.48 19.84 -0.81
CA LEU C 63 6.93 18.71 -1.58
C LEU C 63 6.48 17.59 -0.66
N GLY C 64 5.32 16.99 -0.97
CA GLY C 64 4.86 15.79 -0.33
C GLY C 64 4.98 14.54 -1.22
N ASN C 65 4.41 13.43 -0.72
CA ASN C 65 4.59 12.16 -1.42
C ASN C 65 3.76 12.09 -2.71
N HIS C 66 2.60 12.76 -2.75
CA HIS C 66 1.82 12.75 -3.99
C HIS C 66 2.41 13.69 -5.04
N ASP C 67 3.05 14.76 -4.62
CA ASP C 67 3.81 15.57 -5.58
C ASP C 67 4.93 14.74 -6.23
N LEU C 68 5.67 13.99 -5.41
CA LEU C 68 6.74 13.17 -5.95
C LEU C 68 6.20 12.08 -6.88
N HIS C 69 5.07 11.45 -6.52
CA HIS C 69 4.45 10.47 -7.41
C HIS C 69 4.04 11.10 -8.74
N LEU C 70 3.41 12.27 -8.72
CA LEU C 70 3.10 12.96 -9.95
C LEU C 70 4.35 13.15 -10.80
N LEU C 71 5.44 13.60 -10.18
CA LEU C 71 6.66 13.82 -10.95
C LEU C 71 7.16 12.51 -11.55
N ALA C 72 7.02 11.40 -10.80
CA ALA C 72 7.45 10.07 -11.29
C ALA C 72 6.62 9.59 -12.46
N VAL C 73 5.30 9.83 -12.42
CA VAL C 73 4.46 9.54 -13.58
C VAL C 73 4.90 10.37 -14.78
N PHE C 74 5.12 11.66 -14.54
CA PHE C 74 5.46 12.57 -15.63
C PHE C 74 6.73 12.12 -16.33
N ALA C 75 7.70 11.60 -15.58
CA ALA C 75 8.96 11.16 -16.14
C ALA C 75 8.93 9.74 -16.73
N GLY C 76 7.79 9.06 -16.66
CA GLY C 76 7.70 7.70 -17.12
C GLY C 76 8.18 6.66 -16.14
N ILE C 77 8.36 7.02 -14.86
CA ILE C 77 8.89 6.08 -13.88
C ILE C 77 7.78 5.22 -13.28
N SER C 78 6.60 5.80 -13.04
CA SER C 78 5.46 5.08 -12.51
C SER C 78 4.29 5.24 -13.45
N ARG C 79 3.29 4.39 -13.30
CA ARG C 79 2.12 4.42 -14.17
C ARG C 79 1.03 5.32 -13.62
N ASN C 80 0.37 6.05 -14.51
CA ASN C 80 -0.75 6.89 -14.12
C ASN C 80 -1.99 6.05 -13.84
N LYS C 81 -2.61 6.27 -12.67
CA LYS C 81 -3.92 5.69 -12.39
C LYS C 81 -4.99 6.77 -12.61
N PRO C 82 -5.91 6.61 -13.57
CA PRO C 82 -6.93 7.67 -13.79
C PRO C 82 -7.65 8.12 -12.54
N LYS C 83 -7.77 7.23 -11.57
CA LYS C 83 -8.44 7.55 -10.31
C LYS C 83 -7.78 8.74 -9.62
N ASP C 84 -6.49 8.93 -9.82
CA ASP C 84 -5.79 10.02 -9.15
C ASP C 84 -6.22 11.37 -9.66
N ARG C 85 -6.71 11.41 -10.90
N ARG C 85 -6.75 11.43 -10.89
CA ARG C 85 -7.23 12.62 -11.54
CA ARG C 85 -7.24 12.67 -11.48
C ARG C 85 -6.12 13.60 -11.90
C ARG C 85 -6.11 13.62 -11.87
N LEU C 86 -4.95 13.06 -12.20
CA LEU C 86 -3.82 13.85 -12.68
C LEU C 86 -3.78 13.94 -14.20
N THR C 87 -4.69 13.26 -14.90
CA THR C 87 -4.57 13.22 -16.36
C THR C 87 -4.67 14.60 -16.98
N PRO C 88 -5.62 15.45 -16.60
CA PRO C 88 -5.67 16.80 -17.20
C PRO C 88 -4.36 17.55 -17.04
N LEU C 89 -3.75 17.45 -15.87
CA LEU C 89 -2.49 18.14 -15.63
C LEU C 89 -1.38 17.53 -16.50
N LEU C 90 -1.30 16.20 -16.55
CA LEU C 90 -0.28 15.58 -17.41
C LEU C 90 -0.47 15.93 -18.88
N GLU C 91 -1.71 16.08 -19.35
CA GLU C 91 -1.94 16.36 -20.76
C GLU C 91 -1.98 17.87 -21.05
N ALA C 92 -1.80 18.70 -20.04
CA ALA C 92 -1.86 20.13 -20.24
C ALA C 92 -0.74 20.57 -21.17
N PRO C 93 -0.99 21.55 -22.04
CA PRO C 93 0.10 22.07 -22.90
C PRO C 93 1.22 22.69 -22.12
N ASP C 94 0.99 23.16 -20.88
CA ASP C 94 2.04 23.78 -20.07
C ASP C 94 2.57 22.82 -19.00
N ALA C 95 2.39 21.51 -19.20
CA ALA C 95 2.84 20.50 -18.24
C ALA C 95 4.33 20.60 -17.95
N ASP C 96 5.15 20.67 -19.00
CA ASP C 96 6.59 20.76 -18.82
C ASP C 96 6.94 21.93 -17.91
N GLU C 97 6.40 23.11 -18.23
CA GLU C 97 6.62 24.32 -17.46
C GLU C 97 6.32 24.10 -15.97
N LEU C 98 5.10 23.63 -15.68
CA LEU C 98 4.65 23.46 -14.31
C LEU C 98 5.47 22.42 -13.55
N LEU C 99 5.77 21.27 -14.18
CA LEU C 99 6.41 20.18 -13.44
C LEU C 99 7.90 20.41 -13.29
N ASN C 100 8.54 21.07 -14.26
CA ASN C 100 9.91 21.52 -14.07
C ASN C 100 10.00 22.59 -12.99
N TRP C 101 8.95 23.39 -12.81
CA TRP C 101 8.91 24.26 -11.64
C TRP C 101 8.75 23.46 -10.35
N LEU C 102 7.82 22.50 -10.33
CA LEU C 102 7.50 21.79 -9.10
C LEU C 102 8.69 21.01 -8.57
N ARG C 103 9.48 20.40 -9.47
CA ARG C 103 10.58 19.57 -8.96
C ARG C 103 11.74 20.38 -8.39
N ARG C 104 11.76 21.70 -8.56
CA ARG C 104 12.81 22.53 -7.99
C ARG C 104 12.40 23.16 -6.66
N GLN C 105 11.25 22.75 -6.09
CA GLN C 105 10.75 23.27 -4.82
C GLN C 105 11.37 22.49 -3.67
N PRO C 106 11.41 23.08 -2.48
CA PRO C 106 12.14 22.47 -1.36
C PRO C 106 11.38 21.28 -0.76
N LEU C 107 12.11 20.53 0.06
CA LEU C 107 11.51 19.55 0.96
C LEU C 107 11.34 20.10 2.36
N LEU C 108 11.95 21.23 2.65
CA LEU C 108 12.07 21.78 4.00
C LEU C 108 12.07 23.29 3.90
N GLN C 109 11.27 23.95 4.75
CA GLN C 109 11.24 25.41 4.84
C GLN C 109 11.57 25.80 6.27
N ILE C 110 12.45 26.80 6.44
CA ILE C 110 12.90 27.24 7.77
C ILE C 110 12.81 28.74 7.82
N ASP C 111 12.14 29.27 8.83
CA ASP C 111 12.08 30.73 9.03
C ASP C 111 12.60 30.98 10.44
N GLU C 112 13.82 31.54 10.51
CA GLU C 112 14.51 31.75 11.79
C GLU C 112 13.79 32.79 12.63
N GLU C 113 13.31 33.86 12.00
CA GLU C 113 12.68 34.94 12.76
C GLU C 113 11.37 34.50 13.39
N LYS C 114 10.68 33.51 12.77
CA LYS C 114 9.47 32.97 13.38
C LYS C 114 9.74 31.73 14.20
N LYS C 115 10.98 31.24 14.21
CA LYS C 115 11.31 29.94 14.80
C LYS C 115 10.33 28.88 14.30
N LEU C 116 10.22 28.79 12.97
CA LEU C 116 9.20 27.96 12.34
C LEU C 116 9.83 27.03 11.31
N VAL C 117 9.53 25.74 11.42
CA VAL C 117 10.03 24.73 10.49
C VAL C 117 8.82 24.06 9.86
N MET C 118 8.89 23.79 8.55
CA MET C 118 7.84 23.08 7.82
C MET C 118 8.45 21.98 6.97
N ALA C 119 7.87 20.77 7.06
CA ALA C 119 8.12 19.67 6.13
C ALA C 119 6.80 18.92 5.97
N HIS C 120 6.68 18.10 4.91
CA HIS C 120 5.38 17.53 4.59
C HIS C 120 4.90 16.56 5.66
N ALA C 121 5.78 15.66 6.12
CA ALA C 121 5.41 14.69 7.16
C ALA C 121 5.89 15.08 8.56
N GLY C 122 6.84 16.03 8.66
CA GLY C 122 7.40 16.39 9.96
C GLY C 122 8.90 16.27 9.97
N ILE C 123 9.45 16.21 11.18
CA ILE C 123 10.90 16.07 11.40
C ILE C 123 11.14 14.84 12.27
N THR C 124 11.80 13.81 11.71
CA THR C 124 12.07 12.63 12.53
C THR C 124 12.87 13.05 13.77
N PRO C 125 12.56 12.50 14.94
CA PRO C 125 13.35 12.81 16.15
C PRO C 125 14.79 12.36 16.06
N GLN C 126 15.15 11.50 15.10
CA GLN C 126 16.54 11.10 14.94
C GLN C 126 17.39 12.18 14.30
N TRP C 127 16.81 13.33 13.92
CA TRP C 127 17.53 14.38 13.21
C TRP C 127 17.61 15.65 14.06
N ASP C 128 18.78 16.27 14.10
CA ASP C 128 18.86 17.67 14.49
C ASP C 128 18.68 18.54 13.24
N LEU C 129 18.64 19.85 13.44
CA LEU C 129 18.26 20.74 12.36
C LEU C 129 19.29 20.75 11.25
N GLN C 130 20.57 20.82 11.61
CA GLN C 130 21.61 20.80 10.60
C GLN C 130 21.53 19.54 9.74
N THR C 131 21.26 18.40 10.36
CA THR C 131 21.11 17.18 9.58
C THR C 131 19.90 17.27 8.65
N ALA C 132 18.76 17.76 9.15
CA ALA C 132 17.59 17.95 8.29
C ALA C 132 17.93 18.83 7.10
N LYS C 133 18.63 19.94 7.33
CA LYS C 133 18.96 20.87 6.25
C LYS C 133 19.82 20.18 5.21
N GLU C 134 20.83 19.45 5.67
CA GLU C 134 21.74 18.77 4.77
C GLU C 134 21.01 17.72 3.94
N CYS C 135 20.16 16.93 4.59
CA CYS C 135 19.42 15.89 3.88
C CYS C 135 18.42 16.48 2.88
N ALA C 136 17.69 17.53 3.30
CA ALA C 136 16.82 18.22 2.35
C ALA C 136 17.61 18.71 1.14
N ARG C 137 18.78 19.32 1.38
CA ARG C 137 19.52 19.91 0.27
C ARG C 137 20.04 18.83 -0.67
N ASP C 138 20.48 17.69 -0.13
CA ASP C 138 20.88 16.57 -0.98
C ASP C 138 19.74 16.16 -1.91
N VAL C 139 18.57 15.85 -1.33
CA VAL C 139 17.52 15.33 -2.20
C VAL C 139 17.06 16.39 -3.19
N GLU C 140 16.98 17.66 -2.75
CA GLU C 140 16.56 18.75 -3.64
C GLU C 140 17.52 18.89 -4.82
N ALA C 141 18.84 18.75 -4.56
CA ALA C 141 19.81 18.82 -5.65
C ALA C 141 19.56 17.71 -6.66
N VAL C 142 19.23 16.52 -6.20
CA VAL C 142 18.88 15.47 -7.15
C VAL C 142 17.63 15.86 -7.95
N LEU C 143 16.59 16.32 -7.25
CA LEU C 143 15.31 16.58 -7.90
C LEU C 143 15.39 17.67 -8.95
N SER C 144 16.25 18.66 -8.76
CA SER C 144 16.34 19.75 -9.72
C SER C 144 17.44 19.52 -10.76
N SER C 145 17.99 18.31 -10.84
CA SER C 145 19.02 17.97 -11.80
C SER C 145 18.42 17.28 -13.02
N ASP C 146 19.19 17.27 -14.11
CA ASP C 146 18.70 16.64 -15.34
C ASP C 146 18.49 15.15 -15.16
N SER C 147 19.02 14.56 -14.09
CA SER C 147 18.93 13.14 -13.83
C SER C 147 17.88 12.78 -12.78
N TYR C 148 16.83 13.61 -12.64
CA TYR C 148 15.82 13.36 -11.61
C TYR C 148 15.01 12.08 -11.83
N PRO C 149 14.77 11.62 -13.08
CA PRO C 149 13.99 10.38 -13.22
C PRO C 149 14.66 9.17 -12.58
N PHE C 150 15.99 9.07 -12.65
CA PHE C 150 16.65 7.92 -12.03
C PHE C 150 16.54 8.02 -10.51
N PHE C 151 16.68 9.22 -9.94
CA PHE C 151 16.41 9.34 -8.51
C PHE C 151 15.00 8.94 -8.17
N LEU C 152 14.00 9.46 -8.88
CA LEU C 152 12.62 9.12 -8.54
C LEU C 152 12.42 7.62 -8.60
N ASP C 153 12.98 6.98 -9.63
CA ASP C 153 12.95 5.52 -9.72
C ASP C 153 13.55 4.89 -8.48
N ALA C 154 14.69 5.42 -8.02
CA ALA C 154 15.39 4.85 -6.87
C ALA C 154 14.70 5.17 -5.53
N MET C 155 13.93 6.26 -5.46
CA MET C 155 13.41 6.76 -4.19
C MET C 155 12.46 5.77 -3.53
N TYR C 156 11.79 4.94 -4.35
CA TYR C 156 10.82 3.97 -3.86
C TYR C 156 11.53 2.88 -3.06
N GLY C 157 10.97 2.53 -1.91
CA GLY C 157 11.55 1.55 -1.01
C GLY C 157 11.26 1.92 0.43
N ASP C 158 11.24 0.90 1.31
CA ASP C 158 10.87 1.06 2.71
C ASP C 158 12.02 0.87 3.69
N MET C 159 13.22 0.57 3.20
CA MET C 159 14.40 0.39 4.06
C MET C 159 15.53 1.27 3.54
N PRO C 160 16.46 1.67 4.39
CA PRO C 160 16.55 1.45 5.83
C PRO C 160 15.60 2.38 6.58
N ASN C 161 15.24 2.07 7.83
CA ASN C 161 14.34 2.91 8.60
C ASN C 161 15.01 3.50 9.83
N ASN C 162 16.33 3.40 9.90
CA ASN C 162 17.11 3.92 11.00
C ASN C 162 18.10 4.89 10.41
N TRP C 163 18.14 6.11 10.95
CA TRP C 163 19.11 7.10 10.46
C TRP C 163 20.50 6.80 11.02
N SER C 164 21.51 7.05 10.18
CA SER C 164 22.89 7.09 10.61
C SER C 164 23.66 8.02 9.70
N PRO C 165 24.57 8.84 10.25
CA PRO C 165 25.46 9.63 9.40
C PRO C 165 26.22 8.80 8.38
N GLU C 166 26.33 7.48 8.60
CA GLU C 166 27.08 6.60 7.72
C GLU C 166 26.28 6.08 6.52
N LEU C 167 24.98 6.35 6.45
CA LEU C 167 24.21 5.88 5.30
C LEU C 167 24.83 6.44 4.02
N ARG C 168 24.80 5.64 2.94
CA ARG C 168 25.32 6.07 1.65
C ARG C 168 24.36 5.71 0.53
N GLY C 169 24.49 6.40 -0.59
CA GLY C 169 23.79 6.00 -1.80
C GLY C 169 22.29 5.84 -1.62
N LEU C 170 21.77 4.75 -2.19
CA LEU C 170 20.32 4.59 -2.31
C LEU C 170 19.64 4.49 -0.94
N GLY C 171 20.24 3.76 -0.01
CA GLY C 171 19.65 3.67 1.32
C GLY C 171 19.50 5.04 1.95
N ARG C 172 20.52 5.90 1.82
CA ARG C 172 20.47 7.24 2.37
C ARG C 172 19.36 8.04 1.71
N LEU C 173 19.29 8.00 0.38
CA LEU C 173 18.27 8.72 -0.35
C LEU C 173 16.87 8.28 0.07
N ARG C 174 16.66 6.97 0.16
CA ARG C 174 15.35 6.43 0.52
C ARG C 174 14.95 6.86 1.92
N PHE C 175 15.89 6.78 2.88
CA PHE C 175 15.53 7.18 4.23
C PHE C 175 15.14 8.65 4.27
N ILE C 176 15.88 9.50 3.56
CA ILE C 176 15.58 10.92 3.56
C ILE C 176 14.18 11.17 2.99
N THR C 177 13.91 10.58 1.82
CA THR C 177 12.62 10.81 1.18
C THR C 177 11.49 10.32 2.08
N ASN C 178 11.68 9.16 2.71
CA ASN C 178 10.66 8.58 3.57
C ASN C 178 10.43 9.44 4.81
N ALA C 179 11.51 9.97 5.39
CA ALA C 179 11.35 10.75 6.60
C ALA C 179 10.58 12.05 6.31
N PHE C 180 10.92 12.73 5.19
CA PHE C 180 10.27 14.01 4.91
C PHE C 180 8.85 13.85 4.41
N THR C 181 8.55 12.81 3.60
CA THR C 181 7.25 12.80 2.90
C THR C 181 6.32 11.64 3.28
N ARG C 182 6.77 10.64 4.04
CA ARG C 182 5.91 9.50 4.34
C ARG C 182 5.76 9.19 5.83
N MET C 183 6.57 9.76 6.69
CA MET C 183 6.63 9.36 8.09
C MET C 183 5.29 9.60 8.79
N ARG C 184 4.91 8.66 9.67
CA ARG C 184 3.82 8.82 10.63
C ARG C 184 4.23 8.28 12.00
N PHE C 185 4.25 6.96 12.16
CA PHE C 185 4.62 6.30 13.41
C PHE C 185 6.11 5.95 13.47
N CYS C 186 6.63 5.99 14.70
CA CYS C 186 7.98 5.55 15.04
C CYS C 186 7.90 4.40 16.03
N PHE C 187 8.94 3.57 16.03
CA PHE C 187 9.20 2.68 17.15
C PHE C 187 9.80 3.48 18.30
N PRO C 188 9.78 2.93 19.53
CA PRO C 188 10.27 3.71 20.68
C PRO C 188 11.67 4.23 20.50
N ASN C 189 12.51 3.53 19.75
CA ASN C 189 13.87 3.97 19.51
C ASN C 189 13.96 5.01 18.40
N GLY C 190 12.82 5.44 17.82
CA GLY C 190 12.81 6.43 16.77
C GLY C 190 12.81 5.90 15.35
N GLN C 191 12.93 4.59 15.16
CA GLN C 191 12.94 4.02 13.82
C GLN C 191 11.59 4.20 13.16
N LEU C 192 11.60 4.43 11.84
CA LEU C 192 10.38 4.70 11.09
C LEU C 192 9.60 3.43 10.83
N ASP C 193 8.28 3.51 10.97
CA ASP C 193 7.37 2.48 10.48
C ASP C 193 6.67 3.00 9.23
N MET C 194 6.68 2.19 8.18
CA MET C 194 6.29 2.66 6.86
C MET C 194 4.97 2.05 6.41
N TYR C 195 4.19 1.46 7.32
CA TYR C 195 3.00 0.72 6.92
C TYR C 195 1.71 1.16 7.62
N SER C 196 1.79 1.64 8.87
CA SER C 196 0.58 2.02 9.61
C SER C 196 0.17 3.46 9.31
N LYS C 197 -1.07 3.63 8.86
CA LYS C 197 -1.60 4.96 8.52
C LYS C 197 -2.80 5.39 9.34
N GLU C 198 -3.16 4.68 10.41
CA GLU C 198 -4.35 4.99 11.19
C GLU C 198 -4.04 6.06 12.23
N SER C 199 -5.07 6.44 13.00
CA SER C 199 -4.89 7.39 14.09
C SER C 199 -4.07 6.76 15.21
N PRO C 200 -3.39 7.57 16.02
CA PRO C 200 -2.53 7.01 17.07
C PRO C 200 -3.23 6.04 18.01
N GLU C 201 -4.51 6.27 18.33
CA GLU C 201 -5.20 5.39 19.28
C GLU C 201 -5.55 4.03 18.67
N GLU C 202 -5.55 3.91 17.35
CA GLU C 202 -5.87 2.67 16.67
C GLU C 202 -4.63 1.87 16.23
N ALA C 203 -3.43 2.42 16.41
CA ALA C 203 -2.23 1.83 15.85
C ALA C 203 -1.74 0.64 16.69
N PRO C 204 -1.17 -0.37 16.05
CA PRO C 204 -0.68 -1.52 16.82
C PRO C 204 0.53 -1.17 17.65
N ALA C 205 0.62 -1.84 18.80
CA ALA C 205 1.80 -1.71 19.63
C ALA C 205 3.03 -2.22 18.90
N PRO C 206 4.22 -1.66 19.16
CA PRO C 206 4.51 -0.54 20.08
C PRO C 206 4.61 0.82 19.37
N LEU C 207 3.90 1.04 18.27
CA LEU C 207 4.09 2.27 17.50
C LEU C 207 3.50 3.47 18.21
N LYS C 208 4.20 4.61 18.09
CA LYS C 208 3.83 5.92 18.60
C LYS C 208 4.07 6.98 17.52
N PRO C 209 3.35 8.11 17.58
CA PRO C 209 3.60 9.19 16.61
C PRO C 209 5.02 9.74 16.72
N TRP C 210 5.57 10.16 15.58
CA TRP C 210 6.93 10.69 15.58
C TRP C 210 7.08 11.84 16.57
N PHE C 211 6.03 12.66 16.70
CA PHE C 211 6.14 13.86 17.53
C PHE C 211 5.98 13.56 19.01
N ALA C 212 5.58 12.34 19.39
CA ALA C 212 5.55 11.92 20.79
C ALA C 212 6.90 11.40 21.29
N ILE C 213 7.94 11.52 20.46
CA ILE C 213 9.29 11.13 20.81
C ILE C 213 10.13 12.41 20.78
N PRO C 214 10.67 12.87 21.89
CA PRO C 214 11.35 14.18 21.91
C PRO C 214 12.53 14.25 20.96
N GLY C 215 12.60 15.34 20.18
CA GLY C 215 13.66 15.55 19.22
C GLY C 215 14.31 16.91 19.34
N PRO C 216 15.58 17.02 18.94
CA PRO C 216 16.26 18.31 19.12
C PRO C 216 15.58 19.46 18.39
N VAL C 217 15.02 19.24 17.20
CA VAL C 217 14.39 20.36 16.49
C VAL C 217 13.23 20.91 17.28
N ALA C 218 12.35 20.05 17.79
CA ALA C 218 11.16 20.51 18.50
C ALA C 218 11.48 21.28 19.76
N GLU C 219 12.70 21.18 20.27
CA GLU C 219 13.04 21.89 21.50
C GLU C 219 13.29 23.36 21.25
N GLU C 220 13.70 23.71 20.03
CA GLU C 220 14.00 25.07 19.65
C GLU C 220 13.04 25.69 18.63
N TYR C 221 12.23 24.88 17.93
CA TYR C 221 11.44 25.39 16.83
C TYR C 221 10.02 24.84 16.89
N SER C 222 9.09 25.64 16.39
CA SER C 222 7.76 25.15 16.04
C SER C 222 7.86 24.33 14.75
N ILE C 223 7.02 23.31 14.63
CA ILE C 223 6.99 22.47 13.43
C ILE C 223 5.57 22.35 12.93
N ALA C 224 5.36 22.73 11.67
CA ALA C 224 4.09 22.57 10.98
C ALA C 224 4.25 21.52 9.91
N PHE C 225 3.19 20.72 9.71
CA PHE C 225 3.26 19.60 8.78
C PHE C 225 1.84 19.21 8.37
N GLY C 226 1.75 18.41 7.31
CA GLY C 226 0.49 17.93 6.79
C GLY C 226 0.41 16.41 6.76
N HIS C 227 0.13 15.85 5.58
CA HIS C 227 0.34 14.44 5.28
C HIS C 227 -0.59 13.46 5.99
N TRP C 228 -0.69 13.58 7.31
CA TRP C 228 -1.24 12.51 8.15
C TRP C 228 -2.73 12.79 8.40
N ALA C 229 -3.56 12.43 7.42
CA ALA C 229 -4.96 12.85 7.46
C ALA C 229 -5.72 12.19 8.60
N SER C 230 -5.37 10.96 8.97
CA SER C 230 -6.17 10.29 10.01
C SER C 230 -5.87 10.85 11.39
N LEU C 231 -4.81 11.66 11.53
CA LEU C 231 -4.62 12.47 12.72
C LEU C 231 -5.71 13.54 12.86
N GLU C 232 -6.28 13.99 11.75
CA GLU C 232 -7.31 15.05 11.76
C GLU C 232 -6.84 16.29 12.52
N GLY C 233 -5.55 16.60 12.43
CA GLY C 233 -5.01 17.77 13.07
C GLY C 233 -5.01 17.77 14.59
N LYS C 234 -5.38 16.68 15.24
CA LYS C 234 -5.57 16.69 16.68
C LYS C 234 -4.53 15.85 17.40
N GLY C 235 -4.38 16.12 18.71
CA GLY C 235 -3.56 15.30 19.57
C GLY C 235 -2.10 15.65 19.56
N THR C 236 -1.73 16.86 19.14
CA THR C 236 -0.32 17.18 19.04
C THR C 236 0.15 17.98 20.25
N PRO C 237 1.41 17.84 20.64
CA PRO C 237 1.92 18.66 21.74
C PRO C 237 2.07 20.11 21.29
N GLU C 238 2.29 20.99 22.28
CA GLU C 238 2.48 22.40 21.99
C GLU C 238 3.67 22.57 21.08
N GLY C 239 3.55 23.46 20.10
CA GLY C 239 4.61 23.66 19.13
C GLY C 239 4.55 22.77 17.91
N ILE C 240 3.61 21.84 17.86
CA ILE C 240 3.44 20.91 16.74
C ILE C 240 2.08 21.17 16.12
N TYR C 241 2.05 21.50 14.83
CA TYR C 241 0.81 21.88 14.15
C TYR C 241 0.56 20.92 13.00
N ALA C 242 -0.43 20.05 13.20
CA ALA C 242 -0.86 19.10 12.19
C ALA C 242 -1.98 19.76 11.41
N LEU C 243 -1.72 20.13 10.15
CA LEU C 243 -2.62 20.97 9.36
C LEU C 243 -3.44 20.22 8.33
N ASP C 244 -3.23 18.92 8.14
CA ASP C 244 -3.98 18.15 7.15
C ASP C 244 -5.26 17.66 7.82
N THR C 245 -6.39 18.26 7.42
CA THR C 245 -7.69 17.90 7.97
C THR C 245 -8.54 17.20 6.92
N GLY C 246 -7.89 16.65 5.91
CA GLY C 246 -8.55 15.74 5.00
C GLY C 246 -9.57 16.37 4.08
N CYS C 247 -9.24 17.50 3.46
CA CYS C 247 -10.21 18.15 2.58
C CYS C 247 -10.65 17.22 1.45
N CYS C 248 -9.70 16.58 0.76
CA CYS C 248 -10.07 15.74 -0.37
C CYS C 248 -10.91 14.54 0.05
N TRP C 249 -10.88 14.17 1.33
CA TRP C 249 -11.67 13.05 1.83
C TRP C 249 -13.06 13.47 2.34
N GLY C 250 -13.47 14.72 2.12
CA GLY C 250 -14.73 15.17 2.68
C GLY C 250 -14.62 15.81 4.04
N GLY C 251 -13.40 16.07 4.54
CA GLY C 251 -13.23 16.84 5.74
C GLY C 251 -13.16 18.32 5.44
N THR C 252 -12.06 18.95 5.85
CA THR C 252 -11.95 20.40 5.75
C THR C 252 -10.55 20.75 5.26
N LEU C 253 -10.44 21.94 4.68
CA LEU C 253 -9.15 22.56 4.43
C LEU C 253 -8.89 23.58 5.54
N THR C 254 -7.73 23.48 6.18
CA THR C 254 -7.43 24.27 7.35
C THR C 254 -6.33 25.28 7.03
N CYS C 255 -6.50 26.51 7.54
CA CYS C 255 -5.53 27.60 7.38
C CYS C 255 -5.21 28.15 8.75
N LEU C 256 -3.93 28.28 9.07
CA LEU C 256 -3.46 28.83 10.34
C LEU C 256 -2.74 30.14 10.07
N ARG C 257 -3.23 31.24 10.65
CA ARG C 257 -2.52 32.50 10.59
C ARG C 257 -1.53 32.56 11.74
N TRP C 258 -0.25 32.80 11.40
CA TRP C 258 0.84 32.64 12.35
C TRP C 258 0.91 33.77 13.37
N GLU C 259 0.60 35.00 12.96
CA GLU C 259 0.79 36.13 13.87
C GLU C 259 -0.02 35.94 15.16
N ASP C 260 -1.24 35.39 15.05
CA ASP C 260 -2.12 35.24 16.21
C ASP C 260 -2.56 33.82 16.45
N LYS C 261 -2.01 32.87 15.71
CA LYS C 261 -2.38 31.46 15.84
C LYS C 261 -3.88 31.27 15.64
N GLN C 262 -4.44 31.98 14.68
CA GLN C 262 -5.89 31.88 14.45
C GLN C 262 -6.20 30.91 13.31
N TYR C 263 -7.12 29.99 13.52
CA TYR C 263 -7.51 28.99 12.54
C TYR C 263 -8.73 29.45 11.74
N PHE C 264 -8.72 29.16 10.44
CA PHE C 264 -9.82 29.35 9.50
C PHE C 264 -10.04 28.04 8.75
N VAL C 265 -11.29 27.61 8.60
CA VAL C 265 -11.56 26.30 8.03
C VAL C 265 -12.58 26.43 6.90
N GLN C 266 -12.37 25.66 5.84
CA GLN C 266 -13.23 25.64 4.66
C GLN C 266 -13.77 24.23 4.51
N PRO C 267 -15.07 24.03 4.57
CA PRO C 267 -15.62 22.67 4.42
C PRO C 267 -15.40 22.17 3.00
N SER C 268 -15.20 20.86 2.89
CA SER C 268 -15.00 20.25 1.60
C SER C 268 -16.27 20.29 0.75
N ASN C 269 -16.12 20.59 -0.53
CA ASN C 269 -17.28 20.55 -1.42
C ASN C 269 -17.73 19.11 -1.66
N ARG C 270 -16.77 18.18 -1.69
CA ARG C 270 -16.99 16.73 -1.76
C ARG C 270 -18.11 16.24 -0.82
#